data_2JYK
#
_entry.id   2JYK
#
loop_
_entity.id
_entity.type
_entity.pdbx_description
1 polymer "DNA (5'-D(*DAP*DCP*DAP*DGP*DCP*DTP*DTP*DAP*DTP*DCP*DAP*DTP*DCP*DGP*DAP*DTP*DCP*DAP*DCP*DGP*DT)-3')"
2 polymer "DNA (5'-D(*DAP*DCP*DGP*DTP*DGP*DAP*DTP*DCP*DGP*DAP*DTP*DGP*DAP*DTP*DAP*DAP*DGP*DCP*DTP*DGP*DT)-3')"
#
loop_
_entity_poly.entity_id
_entity_poly.type
_entity_poly.pdbx_seq_one_letter_code
_entity_poly.pdbx_strand_id
1 'polydeoxyribonucleotide'
;(DA)(DC)(DA)(DG)(DC)(DT)(DT)(DA)(DT)(DC)(DA)(DT)(DC)(DG)(DA)(DT)(DC)(DA)(DC)(DG)
(DT)
;
A
2 'polydeoxyribonucleotide'
;(DA)(DC)(DG)(DT)(DG)(DA)(DT)(DC)(DG)(DA)(DT)(DG)(DA)(DT)(DA)(DA)(DG)(DC)(DT)(DG)
(DT)
;
B
#